data_8ARY
#
_entry.id   8ARY
#
_cell.length_a   82.135
_cell.length_b   112.296
_cell.length_c   62.651
_cell.angle_alpha   90.00
_cell.angle_beta   90.00
_cell.angle_gamma   90.00
#
_symmetry.space_group_name_H-M   'C 2 2 21'
#
loop_
_entity.id
_entity.type
_entity.pdbx_description
1 polymer '14-3-3 protein sigma'
2 polymer 'Estrogen receptor'
3 non-polymer 'MAGNESIUM ION'
4 non-polymer 2-chloranyl-N-[[1-[1-(4-chloranylphenoxy)cyclohexyl]carbonylpiperidin-4-yl]methyl]ethanamide
5 water water
#
loop_
_entity_poly.entity_id
_entity_poly.type
_entity_poly.pdbx_seq_one_letter_code
_entity_poly.pdbx_strand_id
1 'polypeptide(L)'
;GAMGSMERASLIQKAKLAEQAERYEDMAAFMKGAVEKGEELSCEERNLLSVAYKNVVGGQRAAWRVLSSIEQKSNEEGSE
EKGPEVREYREKVETELQGVCDTVLGLLDSHLIKEAGDAESRVFYLKMKGDYYRYLAEVATGDDKKRIIDSARSAYQEAM
DISKKEMPPTNPIRLGLALNFSVFHYEIANSPEEAISLAKTTFDEAMADLHTLSEDSYKDSTLIMQLLRDNLTLWT
;
A
2 'polypeptide(L)' FPA(TPO)V B
#
loop_
_chem_comp.id
_chem_comp.type
_chem_comp.name
_chem_comp.formula
MG non-polymer 'MAGNESIUM ION' 'Mg 2'
NQU non-polymer 2-chloranyl-N-[[1-[1-(4-chloranylphenoxy)cyclohexyl]carbonylpiperidin-4-yl]methyl]ethanamide 'C21 H28 Cl2 N2 O3'
#
# COMPACT_ATOMS: atom_id res chain seq x y z
N GLY A 1 -9.02 9.21 21.95
CA GLY A 1 -7.77 9.30 21.15
C GLY A 1 -7.07 10.60 21.51
N ALA A 2 -5.74 10.58 21.48
CA ALA A 2 -4.93 11.73 21.87
C ALA A 2 -5.17 12.92 20.96
N MET A 3 -5.66 12.70 19.73
CA MET A 3 -5.97 13.79 18.82
C MET A 3 -7.39 14.31 18.87
N GLY A 4 -8.20 13.77 19.79
CA GLY A 4 -9.60 14.16 19.91
C GLY A 4 -9.85 15.61 20.21
N SER A 5 -8.90 16.26 20.91
CA SER A 5 -9.04 17.65 21.27
C SER A 5 -8.53 18.62 20.23
N MET A 6 -7.90 18.15 19.17
CA MET A 6 -7.32 19.02 18.17
C MET A 6 -8.27 19.17 17.00
N GLU A 7 -8.40 20.42 16.52
CA GLU A 7 -9.21 20.71 15.34
C GLU A 7 -8.76 19.90 14.14
N ARG A 8 -9.74 19.48 13.36
CA ARG A 8 -9.46 18.77 12.09
C ARG A 8 -8.47 19.56 11.24
N ALA A 9 -8.69 20.86 11.06
CA ALA A 9 -7.85 21.63 10.19
C ALA A 9 -6.43 21.69 10.71
N SER A 10 -6.28 21.75 12.03
CA SER A 10 -4.99 21.79 12.67
C SER A 10 -4.24 20.48 12.53
N LEU A 11 -4.98 19.36 12.57
CA LEU A 11 -4.38 18.07 12.34
C LEU A 11 -3.82 17.98 10.90
N ILE A 12 -4.61 18.42 9.93
CA ILE A 12 -4.18 18.44 8.53
C ILE A 12 -2.94 19.35 8.34
N GLN A 13 -2.98 20.54 8.94
CA GLN A 13 -1.85 21.46 8.88
C GLN A 13 -0.59 20.80 9.44
N LYS A 14 -0.72 20.14 10.60
CA LYS A 14 0.41 19.52 11.23
C LYS A 14 0.90 18.29 10.47
N ALA A 15 -0.01 17.56 9.82
CA ALA A 15 0.41 16.43 8.97
C ALA A 15 1.34 16.95 7.86
N LYS A 16 1.00 18.12 7.28
CA LYS A 16 1.81 18.68 6.21
C LYS A 16 3.18 19.12 6.73
N LEU A 17 3.21 19.70 7.94
CA LEU A 17 4.47 20.05 8.60
C LEU A 17 5.33 18.80 8.89
N ALA A 18 4.68 17.76 9.40
CA ALA A 18 5.35 16.53 9.69
C ALA A 18 5.97 15.92 8.43
N GLU A 19 5.25 15.96 7.31
CA GLU A 19 5.80 15.51 6.05
C GLU A 19 7.08 16.30 5.69
N GLN A 20 7.03 17.62 5.82
CA GLN A 20 8.19 18.44 5.49
C GLN A 20 9.40 18.12 6.37
N ALA A 21 9.11 17.77 7.62
CA ALA A 21 10.13 17.38 8.60
C ALA A 21 10.54 15.91 8.56
N GLU A 22 9.93 15.17 7.63
CA GLU A 22 10.14 13.72 7.49
C GLU A 22 9.87 12.95 8.79
N ARG A 23 8.83 13.41 9.47
CA ARG A 23 8.34 12.84 10.75
C ARG A 23 7.10 12.02 10.44
N TYR A 24 7.29 10.86 9.83
CA TYR A 24 6.15 10.13 9.24
C TYR A 24 5.27 9.47 10.30
N GLU A 25 5.83 9.06 11.44
CA GLU A 25 5.00 8.54 12.53
C GLU A 25 4.04 9.63 13.02
N ASP A 26 4.57 10.84 13.22
CA ASP A 26 3.71 11.95 13.61
C ASP A 26 2.66 12.23 12.55
N MET A 27 3.08 12.21 11.29
CA MET A 27 2.20 12.51 10.17
C MET A 27 1.02 11.53 10.20
N ALA A 28 1.33 10.25 10.40
CA ALA A 28 0.30 9.22 10.44
C ALA A 28 -0.66 9.40 11.61
N ALA A 29 -0.11 9.73 12.78
CA ALA A 29 -0.93 9.95 13.93
C ALA A 29 -1.88 11.16 13.74
N PHE A 30 -1.37 12.23 13.13
CA PHE A 30 -2.21 13.36 12.82
C PHE A 30 -3.33 12.96 11.87
N MET A 31 -2.97 12.24 10.80
CA MET A 31 -3.99 11.83 9.83
C MET A 31 -5.00 10.84 10.38
N LYS A 32 -4.58 9.94 11.27
CA LYS A 32 -5.53 9.08 11.96
C LYS A 32 -6.52 9.92 12.76
N GLY A 33 -6.00 10.94 13.47
CA GLY A 33 -6.88 11.85 14.16
C GLY A 33 -7.86 12.54 13.23
N ALA A 34 -7.37 12.99 12.08
CA ALA A 34 -8.23 13.65 11.11
C ALA A 34 -9.33 12.72 10.59
N VAL A 35 -8.97 11.48 10.26
CA VAL A 35 -9.97 10.52 9.81
C VAL A 35 -11.04 10.32 10.89
N GLU A 36 -10.60 10.19 12.14
CA GLU A 36 -11.52 9.91 13.23
C GLU A 36 -12.46 11.09 13.58
N LYS A 37 -12.24 12.26 12.98
CA LYS A 37 -13.25 13.31 13.06
C LYS A 37 -14.56 12.94 12.41
N GLY A 38 -14.51 11.96 11.47
CA GLY A 38 -15.71 11.40 10.89
C GLY A 38 -16.16 11.94 9.56
N GLU A 39 -15.56 13.02 9.11
CA GLU A 39 -15.86 13.58 7.82
C GLU A 39 -15.07 12.83 6.74
N GLU A 40 -15.62 12.81 5.52
CA GLU A 40 -14.90 12.31 4.36
C GLU A 40 -13.62 13.14 4.13
N LEU A 41 -12.63 12.52 3.46
CA LEU A 41 -11.36 13.16 3.15
C LEU A 41 -11.41 13.66 1.70
N SER A 42 -10.82 14.83 1.47
CA SER A 42 -10.58 15.31 0.15
C SER A 42 -9.46 14.51 -0.52
N CYS A 43 -9.22 14.75 -1.81
CA CYS A 43 -8.12 14.11 -2.47
C CYS A 43 -6.76 14.39 -1.80
N GLU A 44 -6.49 15.66 -1.51
CA GLU A 44 -5.23 16.04 -0.88
C GLU A 44 -5.10 15.31 0.45
N GLU A 45 -6.21 15.26 1.21
CA GLU A 45 -6.15 14.62 2.52
C GLU A 45 -5.95 13.10 2.45
N ARG A 46 -6.58 12.47 1.44
CA ARG A 46 -6.36 11.03 1.21
C ARG A 46 -4.87 10.80 0.92
N ASN A 47 -4.26 11.70 0.16
CA ASN A 47 -2.83 11.56 -0.15
C ASN A 47 -1.95 11.69 1.09
N LEU A 48 -2.33 12.60 1.99
CA LEU A 48 -1.58 12.73 3.22
C LEU A 48 -1.65 11.45 4.04
N LEU A 49 -2.85 10.89 4.14
CA LEU A 49 -3.06 9.65 4.85
C LEU A 49 -2.19 8.53 4.27
N SER A 50 -2.26 8.35 2.95
CA SER A 50 -1.53 7.27 2.32
C SER A 50 -0.03 7.47 2.45
N VAL A 51 0.47 8.70 2.21
CA VAL A 51 1.91 8.92 2.28
C VAL A 51 2.43 8.60 3.67
N ALA A 52 1.70 9.05 4.70
CA ALA A 52 2.15 8.86 6.07
C ALA A 52 2.35 7.38 6.36
N TYR A 53 1.29 6.60 6.16
CA TYR A 53 1.33 5.16 6.51
C TYR A 53 2.25 4.40 5.56
N LYS A 54 2.36 4.82 4.29
CA LYS A 54 3.27 4.13 3.38
C LYS A 54 4.70 4.20 3.90
N ASN A 55 5.08 5.38 4.39
CA ASN A 55 6.41 5.58 4.87
C ASN A 55 6.64 4.83 6.18
N VAL A 56 5.65 4.85 7.10
CA VAL A 56 5.81 4.14 8.37
C VAL A 56 5.96 2.63 8.08
N VAL A 57 5.01 2.06 7.35
CA VAL A 57 5.05 0.62 7.11
C VAL A 57 6.23 0.24 6.24
N GLY A 58 6.61 1.12 5.31
CA GLY A 58 7.75 0.86 4.47
C GLY A 58 9.01 0.66 5.25
N GLY A 59 9.20 1.49 6.28
CA GLY A 59 10.36 1.34 7.15
C GLY A 59 10.29 0.02 7.95
N GLN A 60 9.10 -0.32 8.44
CA GLN A 60 8.92 -1.56 9.20
C GLN A 60 9.21 -2.78 8.33
N ARG A 61 8.72 -2.74 7.09
CA ARG A 61 8.93 -3.85 6.14
C ARG A 61 10.43 -4.00 5.87
N ALA A 62 11.14 -2.90 5.65
CA ALA A 62 12.54 -3.00 5.40
C ALA A 62 13.26 -3.61 6.60
N ALA A 63 12.90 -3.19 7.81
CA ALA A 63 13.52 -3.74 9.02
C ALA A 63 13.20 -5.21 9.18
N TRP A 64 11.94 -5.56 8.95
CA TRP A 64 11.52 -6.95 9.04
C TRP A 64 12.33 -7.83 8.10
N ARG A 65 12.57 -7.34 6.88
CA ARG A 65 13.31 -8.14 5.88
C ARG A 65 14.76 -8.32 6.36
N VAL A 66 15.38 -7.29 6.93
CA VAL A 66 16.74 -7.46 7.44
C VAL A 66 16.77 -8.55 8.50
N LEU A 67 15.84 -8.46 9.45
CA LEU A 67 15.80 -9.38 10.57
C LEU A 67 15.45 -10.81 10.12
N SER A 68 14.50 -10.93 9.19
CA SER A 68 14.11 -12.25 8.66
C SER A 68 15.30 -12.92 7.98
N SER A 69 16.10 -12.14 7.24
CA SER A 69 17.27 -12.71 6.57
C SER A 69 18.30 -13.21 7.58
N ILE A 70 18.52 -12.45 8.65
CA ILE A 70 19.44 -12.89 9.72
C ILE A 70 18.92 -14.17 10.36
N GLU A 71 17.61 -14.22 10.59
CA GLU A 71 16.99 -15.38 11.21
C GLU A 71 17.10 -16.62 10.32
N GLN A 72 16.88 -16.46 9.02
CA GLN A 72 17.00 -17.57 8.09
C GLN A 72 18.42 -18.10 8.08
N LYS A 73 19.40 -17.18 8.08
CA LYS A 73 20.80 -17.59 8.10
C LYS A 73 21.14 -18.38 9.37
N SER A 74 20.52 -17.99 10.49
CA SER A 74 20.75 -18.65 11.78
C SER A 74 20.25 -20.08 11.79
N ASN A 75 19.33 -20.40 10.89
CA ASN A 75 18.72 -21.74 10.83
C ASN A 75 19.32 -22.65 9.74
N GLU A 76 20.39 -22.19 9.10
CA GLU A 76 21.18 -23.00 8.17
C GLU A 76 22.12 -23.96 8.89
N GLU A 77 22.40 -25.10 8.26
CA GLU A 77 23.39 -26.06 8.77
C GLU A 77 24.72 -25.33 9.01
N GLY A 78 25.33 -25.58 10.17
CA GLY A 78 26.63 -25.05 10.52
C GLY A 78 26.59 -23.70 11.20
N SER A 79 25.38 -23.13 11.35
CA SER A 79 25.19 -21.87 12.06
C SER A 79 25.22 -22.15 13.55
N GLU A 80 25.98 -21.35 14.29
CA GLU A 80 26.12 -21.51 15.73
C GLU A 80 24.82 -21.02 16.40
N GLU A 81 24.34 -21.78 17.40
CA GLU A 81 23.16 -21.41 18.18
C GLU A 81 23.42 -20.12 18.97
N LYS A 82 22.54 -19.13 18.81
CA LYS A 82 22.71 -17.82 19.45
C LYS A 82 21.53 -17.43 20.35
N GLY A 83 20.64 -18.39 20.59
CA GLY A 83 19.51 -18.19 21.47
C GLY A 83 18.30 -17.59 20.76
N PRO A 84 17.29 -17.19 21.53
CA PRO A 84 16.00 -16.79 20.97
C PRO A 84 15.93 -15.33 20.50
N GLU A 85 17.02 -14.57 20.66
CA GLU A 85 16.95 -13.12 20.48
C GLU A 85 16.58 -12.67 19.09
N VAL A 86 17.14 -13.30 18.06
CA VAL A 86 16.84 -12.91 16.69
C VAL A 86 15.34 -13.10 16.42
N ARG A 87 14.82 -14.29 16.75
CA ARG A 87 13.37 -14.56 16.57
C ARG A 87 12.56 -13.54 17.38
N GLU A 88 12.92 -13.32 18.64
CA GLU A 88 12.16 -12.39 19.47
C GLU A 88 12.09 -11.02 18.82
N TYR A 89 13.22 -10.51 18.35
CA TYR A 89 13.27 -9.14 17.83
C TYR A 89 12.53 -9.06 16.49
N ARG A 90 12.68 -10.08 15.67
CA ARG A 90 11.89 -10.14 14.42
C ARG A 90 10.39 -10.14 14.76
N GLU A 91 9.99 -10.92 15.76
CA GLU A 91 8.60 -10.94 16.20
C GLU A 91 8.14 -9.59 16.72
N LYS A 92 9.00 -8.86 17.42
CA LYS A 92 8.65 -7.54 17.91
C LYS A 92 8.35 -6.58 16.77
N VAL A 93 9.24 -6.56 15.79
CA VAL A 93 9.08 -5.68 14.63
C VAL A 93 7.81 -6.11 13.87
N GLU A 94 7.65 -7.41 13.69
CA GLU A 94 6.52 -7.97 12.99
C GLU A 94 5.20 -7.56 13.65
N THR A 95 5.15 -7.64 14.99
CA THR A 95 3.96 -7.31 15.73
C THR A 95 3.63 -5.83 15.55
N GLU A 96 4.64 -4.96 15.57
CA GLU A 96 4.43 -3.54 15.38
C GLU A 96 3.93 -3.28 13.96
N LEU A 97 4.50 -3.94 12.97
CA LEU A 97 4.04 -3.83 11.59
C LEU A 97 2.58 -4.25 11.44
N GLN A 98 2.23 -5.40 12.02
CA GLN A 98 0.85 -5.87 11.97
C GLN A 98 -0.07 -4.88 12.63
N GLY A 99 0.37 -4.25 13.72
CA GLY A 99 -0.41 -3.22 14.37
C GLY A 99 -0.72 -2.04 13.49
N VAL A 100 0.29 -1.57 12.76
CA VAL A 100 0.09 -0.44 11.83
C VAL A 100 -0.90 -0.85 10.73
N CYS A 101 -0.73 -2.06 10.17
CA CYS A 101 -1.64 -2.52 9.16
C CYS A 101 -3.07 -2.59 9.69
N ASP A 102 -3.22 -3.14 10.90
CA ASP A 102 -4.53 -3.26 11.48
C ASP A 102 -5.15 -1.87 11.71
N THR A 103 -4.32 -0.90 12.10
CA THR A 103 -4.79 0.47 12.29
C THR A 103 -5.32 1.05 10.98
N VAL A 104 -4.55 0.89 9.90
CA VAL A 104 -4.99 1.42 8.62
C VAL A 104 -6.29 0.72 8.17
N LEU A 105 -6.29 -0.61 8.24
CA LEU A 105 -7.47 -1.36 7.83
C LEU A 105 -8.68 -0.93 8.64
N GLY A 106 -8.44 -0.67 9.93
CA GLY A 106 -9.50 -0.20 10.78
C GLY A 106 -10.10 1.14 10.37
N LEU A 107 -9.25 2.07 9.95
CA LEU A 107 -9.73 3.35 9.44
C LEU A 107 -10.53 3.19 8.17
N LEU A 108 -10.08 2.30 7.30
CA LEU A 108 -10.77 2.05 6.05
C LEU A 108 -12.16 1.44 6.31
N ASP A 109 -12.22 0.53 7.28
CA ASP A 109 -13.47 -0.14 7.63
C ASP A 109 -14.39 0.71 8.48
N SER A 110 -13.88 1.73 9.16
CA SER A 110 -14.64 2.54 10.10
C SER A 110 -14.26 4.02 9.94
N HIS A 111 -14.75 4.71 8.88
CA HIS A 111 -15.77 4.27 7.94
C HIS A 111 -15.47 4.80 6.55
N LEU A 112 -14.18 4.85 6.18
CA LEU A 112 -13.81 5.52 4.95
C LEU A 112 -14.40 4.86 3.70
N ILE A 113 -14.31 3.54 3.61
CA ILE A 113 -14.79 2.87 2.43
C ILE A 113 -16.29 3.03 2.25
N LYS A 114 -17.05 2.79 3.32
CA LYS A 114 -18.49 2.76 3.17
C LYS A 114 -19.06 4.12 2.79
N GLU A 115 -18.38 5.21 3.16
CA GLU A 115 -18.85 6.56 2.83
C GLU A 115 -18.34 7.10 1.46
N ALA A 116 -17.40 6.32 0.86
CA ALA A 116 -16.78 6.71 -0.40
C ALA A 116 -17.62 6.24 -1.59
N GLY A 117 -18.32 7.18 -2.22
CA GLY A 117 -19.18 6.88 -3.36
C GLY A 117 -18.62 7.22 -4.71
N ASP A 118 -17.69 8.18 -4.76
CA ASP A 118 -17.15 8.53 -6.03
C ASP A 118 -16.09 7.49 -6.36
N ALA A 119 -15.97 7.16 -7.64
CA ALA A 119 -15.05 6.14 -8.06
C ALA A 119 -13.61 6.43 -7.58
N GLU A 120 -13.17 7.69 -7.67
CA GLU A 120 -11.80 8.00 -7.36
C GLU A 120 -11.50 7.76 -5.89
N SER A 121 -12.44 8.08 -5.02
CA SER A 121 -12.20 7.87 -3.59
C SER A 121 -12.30 6.39 -3.26
N ARG A 122 -13.34 5.74 -3.76
CA ARG A 122 -13.58 4.32 -3.43
C ARG A 122 -12.40 3.46 -3.92
N VAL A 123 -11.96 3.68 -5.16
CA VAL A 123 -10.84 2.91 -5.65
C VAL A 123 -9.58 3.18 -4.84
N PHE A 124 -9.34 4.45 -4.49
CA PHE A 124 -8.18 4.78 -3.69
C PHE A 124 -8.15 3.99 -2.38
N TYR A 125 -9.28 3.97 -1.68
CA TYR A 125 -9.37 3.26 -0.38
C TYR A 125 -9.30 1.74 -0.57
N LEU A 126 -9.92 1.20 -1.61
CA LEU A 126 -9.87 -0.23 -1.81
C LEU A 126 -8.44 -0.69 -2.19
N LYS A 127 -7.72 0.13 -2.96
CA LYS A 127 -6.31 -0.13 -3.22
C LYS A 127 -5.53 -0.17 -1.91
N MET A 128 -5.76 0.81 -1.02
CA MET A 128 -5.11 0.80 0.29
C MET A 128 -5.43 -0.50 1.02
N LYS A 129 -6.70 -0.91 1.02
CA LYS A 129 -7.10 -2.15 1.70
C LYS A 129 -6.31 -3.32 1.15
N GLY A 130 -6.21 -3.43 -0.17
CA GLY A 130 -5.42 -4.49 -0.76
C GLY A 130 -3.95 -4.43 -0.33
N ASP A 131 -3.38 -3.22 -0.38
CA ASP A 131 -1.99 -3.01 -0.02
C ASP A 131 -1.70 -3.47 1.41
N TYR A 132 -2.54 -3.07 2.38
CA TYR A 132 -2.24 -3.37 3.80
C TYR A 132 -2.53 -4.85 4.09
N TYR A 133 -3.49 -5.48 3.43
CA TYR A 133 -3.59 -6.95 3.53
C TYR A 133 -2.36 -7.60 2.87
N ARG A 134 -1.84 -7.03 1.79
CA ARG A 134 -0.62 -7.58 1.16
C ARG A 134 0.54 -7.51 2.17
N TYR A 135 0.69 -6.41 2.89
CA TYR A 135 1.79 -6.31 3.88
C TYR A 135 1.57 -7.34 5.00
N LEU A 136 0.32 -7.55 5.44
CA LEU A 136 0.07 -8.62 6.39
C LEU A 136 0.45 -9.99 5.82
N ALA A 137 0.19 -10.18 4.52
CA ALA A 137 0.50 -11.45 3.86
C ALA A 137 2.00 -11.70 3.81
N GLU A 138 2.77 -10.62 3.66
CA GLU A 138 4.21 -10.77 3.54
C GLU A 138 4.81 -11.45 4.76
N VAL A 139 4.19 -11.25 5.93
CA VAL A 139 4.73 -11.77 7.17
C VAL A 139 3.95 -12.95 7.74
N ALA A 140 2.85 -13.30 7.08
CA ALA A 140 1.97 -14.37 7.54
C ALA A 140 2.57 -15.73 7.24
N THR A 141 2.47 -16.62 8.23
CA THR A 141 2.96 -17.98 8.11
C THR A 141 2.00 -19.03 8.68
N GLY A 142 0.89 -18.59 9.30
CA GLY A 142 0.00 -19.50 10.00
C GLY A 142 -1.31 -19.90 9.29
N ASP A 143 -2.30 -20.32 10.10
CA ASP A 143 -3.59 -20.86 9.62
C ASP A 143 -4.41 -19.87 8.80
N ASP A 144 -4.13 -18.58 9.00
CA ASP A 144 -4.86 -17.48 8.35
C ASP A 144 -4.19 -16.91 7.11
N LYS A 145 -2.99 -17.39 6.73
CA LYS A 145 -2.28 -16.83 5.60
C LYS A 145 -3.16 -16.84 4.35
N LYS A 146 -3.82 -17.96 4.05
CA LYS A 146 -4.69 -18.02 2.91
C LYS A 146 -5.78 -16.99 2.93
N ARG A 147 -6.41 -16.80 4.08
CA ARG A 147 -7.55 -15.86 4.20
C ARG A 147 -6.97 -14.44 4.07
N ILE A 148 -5.76 -14.16 4.57
CA ILE A 148 -5.21 -12.83 4.41
C ILE A 148 -4.95 -12.50 2.93
N ILE A 149 -4.37 -13.48 2.23
CA ILE A 149 -4.11 -13.35 0.83
C ILE A 149 -5.41 -13.12 0.08
N ASP A 150 -6.46 -13.87 0.43
CA ASP A 150 -7.71 -13.69 -0.25
C ASP A 150 -8.35 -12.32 0.02
N SER A 151 -8.16 -11.79 1.24
CA SER A 151 -8.65 -10.47 1.57
C SER A 151 -7.98 -9.41 0.70
N ALA A 152 -6.66 -9.56 0.51
CA ALA A 152 -5.97 -8.63 -0.36
C ALA A 152 -6.51 -8.71 -1.77
N ARG A 153 -6.59 -9.93 -2.29
CA ARG A 153 -7.08 -10.19 -3.65
C ARG A 153 -8.48 -9.57 -3.81
N SER A 154 -9.38 -9.81 -2.87
CA SER A 154 -10.76 -9.35 -3.01
C SER A 154 -10.83 -7.81 -3.07
N ALA A 155 -10.05 -7.14 -2.21
CA ALA A 155 -10.04 -5.68 -2.19
C ALA A 155 -9.51 -5.14 -3.51
N TYR A 156 -8.38 -5.69 -3.96
CA TYR A 156 -7.78 -5.28 -5.25
C TYR A 156 -8.78 -5.51 -6.38
N GLN A 157 -9.45 -6.66 -6.37
CA GLN A 157 -10.35 -6.99 -7.46
C GLN A 157 -11.52 -6.03 -7.53
N GLU A 158 -12.12 -5.69 -6.36
CA GLU A 158 -13.20 -4.71 -6.35
C GLU A 158 -12.72 -3.36 -6.90
N ALA A 159 -11.53 -2.96 -6.49
CA ALA A 159 -10.97 -1.72 -6.98
C ALA A 159 -10.75 -1.77 -8.50
N MET A 160 -10.24 -2.90 -9.01
CA MET A 160 -10.00 -3.05 -10.45
C MET A 160 -11.30 -2.97 -11.19
N ASP A 161 -12.36 -3.61 -10.66
CA ASP A 161 -13.61 -3.63 -11.38
C ASP A 161 -14.18 -2.19 -11.50
N ILE A 162 -14.17 -1.43 -10.40
CA ILE A 162 -14.66 -0.07 -10.44
C ILE A 162 -13.79 0.77 -11.38
N SER A 163 -12.47 0.63 -11.26
CA SER A 163 -11.55 1.48 -12.02
C SER A 163 -11.76 1.26 -13.53
N LYS A 164 -11.96 0.01 -13.95
CA LYS A 164 -12.14 -0.28 -15.36
C LYS A 164 -13.43 0.32 -15.89
N LYS A 165 -14.48 0.35 -15.05
CA LYS A 165 -15.77 0.88 -15.48
C LYS A 165 -15.79 2.38 -15.50
N GLU A 166 -15.12 3.00 -14.52
CA GLU A 166 -15.32 4.42 -14.19
C GLU A 166 -14.21 5.43 -14.47
N MET A 167 -13.01 4.89 -14.75
CA MET A 167 -11.82 5.75 -14.88
C MET A 167 -11.12 5.45 -16.21
N PRO A 168 -10.47 6.46 -16.83
CA PRO A 168 -9.72 6.23 -18.05
C PRO A 168 -8.48 5.40 -17.74
N PRO A 169 -7.94 4.71 -18.78
CA PRO A 169 -6.80 3.81 -18.60
C PRO A 169 -5.51 4.53 -18.20
N THR A 170 -5.48 5.86 -18.31
CA THR A 170 -4.32 6.65 -17.89
C THR A 170 -4.46 7.21 -16.47
N ASN A 171 -5.62 7.01 -15.84
CA ASN A 171 -5.81 7.61 -14.52
C ASN A 171 -4.75 7.10 -13.56
N PRO A 172 -4.02 7.96 -12.84
CA PRO A 172 -2.92 7.52 -11.99
C PRO A 172 -3.34 6.54 -10.89
N ILE A 173 -4.56 6.68 -10.37
CA ILE A 173 -5.02 5.76 -9.35
C ILE A 173 -5.20 4.38 -9.97
N ARG A 174 -5.87 4.34 -11.12
CA ARG A 174 -6.04 3.08 -11.87
C ARG A 174 -4.68 2.44 -12.19
N LEU A 175 -3.73 3.23 -12.65
CA LEU A 175 -2.42 2.73 -12.97
C LEU A 175 -1.69 2.20 -11.74
N GLY A 176 -1.71 2.96 -10.65
CA GLY A 176 -1.03 2.52 -9.45
C GLY A 176 -1.64 1.30 -8.82
N LEU A 177 -2.96 1.20 -8.88
CA LEU A 177 -3.68 0.01 -8.45
C LEU A 177 -3.20 -1.19 -9.22
N ALA A 178 -3.16 -1.08 -10.55
CA ALA A 178 -2.75 -2.18 -11.41
C ALA A 178 -1.31 -2.58 -11.15
N LEU A 179 -0.43 -1.58 -11.00
CA LEU A 179 0.97 -1.84 -10.64
C LEU A 179 1.03 -2.71 -9.39
N ASN A 180 0.33 -2.28 -8.34
CA ASN A 180 0.40 -2.98 -7.06
C ASN A 180 -0.26 -4.37 -7.11
N PHE A 181 -1.41 -4.49 -7.80
CA PHE A 181 -2.07 -5.78 -7.92
C PHE A 181 -1.20 -6.74 -8.69
N SER A 182 -0.48 -6.23 -9.70
CA SER A 182 0.48 -7.05 -10.45
C SER A 182 1.58 -7.56 -9.52
N VAL A 183 2.12 -6.69 -8.67
CA VAL A 183 3.10 -7.13 -7.66
C VAL A 183 2.50 -8.17 -6.70
N PHE A 184 1.26 -7.96 -6.25
CA PHE A 184 0.55 -8.97 -5.48
C PHE A 184 0.58 -10.33 -6.18
N HIS A 185 0.24 -10.34 -7.46
CA HIS A 185 0.23 -11.60 -8.18
C HIS A 185 1.62 -12.24 -8.17
N TYR A 186 2.66 -11.43 -8.42
CA TYR A 186 4.03 -11.97 -8.57
C TYR A 186 4.58 -12.44 -7.22
N GLU A 187 4.44 -11.63 -6.17
CA GLU A 187 5.17 -11.82 -4.92
C GLU A 187 4.38 -12.58 -3.88
N ILE A 188 3.05 -12.47 -3.93
CA ILE A 188 2.17 -13.03 -2.90
C ILE A 188 1.39 -14.26 -3.36
N ALA A 189 0.77 -14.17 -4.55
CA ALA A 189 -0.12 -15.20 -5.06
C ALA A 189 0.57 -16.27 -5.91
N ASN A 190 1.88 -16.15 -6.08
CA ASN A 190 2.63 -17.16 -6.86
C ASN A 190 2.04 -17.30 -8.25
N SER A 191 1.75 -16.14 -8.88
CA SER A 191 1.12 -16.07 -10.19
C SER A 191 1.90 -15.11 -11.10
N PRO A 192 3.17 -15.42 -11.41
CA PRO A 192 4.00 -14.46 -12.16
C PRO A 192 3.41 -14.19 -13.55
N GLU A 193 2.83 -15.19 -14.22
CA GLU A 193 2.20 -14.94 -15.50
C GLU A 193 1.07 -13.94 -15.45
N GLU A 194 0.23 -14.02 -14.42
CA GLU A 194 -0.84 -13.07 -14.24
C GLU A 194 -0.26 -11.65 -13.99
N ALA A 195 0.81 -11.60 -13.18
CA ALA A 195 1.49 -10.34 -12.88
C ALA A 195 1.98 -9.67 -14.16
N ILE A 196 2.64 -10.46 -15.00
CA ILE A 196 3.24 -9.95 -16.24
C ILE A 196 2.12 -9.53 -17.22
N SER A 197 1.07 -10.34 -17.35
CA SER A 197 -0.04 -10.00 -18.24
C SER A 197 -0.69 -8.70 -17.81
N LEU A 198 -0.97 -8.57 -16.52
CA LEU A 198 -1.60 -7.35 -16.01
C LEU A 198 -0.73 -6.14 -16.27
N ALA A 199 0.56 -6.23 -15.97
CA ALA A 199 1.41 -5.09 -16.18
C ALA A 199 1.47 -4.67 -17.66
N LYS A 200 1.59 -5.66 -18.56
CA LYS A 200 1.68 -5.39 -20.00
C LYS A 200 0.39 -4.77 -20.51
N THR A 201 -0.77 -5.37 -20.19
CA THR A 201 -2.04 -4.87 -20.69
C THR A 201 -2.30 -3.46 -20.14
N THR A 202 -1.99 -3.24 -18.86
CA THR A 202 -2.18 -1.92 -18.26
C THR A 202 -1.32 -0.88 -19.00
N PHE A 203 -0.04 -1.22 -19.22
CA PHE A 203 0.89 -0.33 -19.93
C PHE A 203 0.33 0.01 -21.31
N ASP A 204 -0.08 -1.00 -22.05
CA ASP A 204 -0.46 -0.79 -23.45
C ASP A 204 -1.77 0.02 -23.56
N GLU A 205 -2.70 -0.21 -22.65
CA GLU A 205 -3.95 0.52 -22.68
C GLU A 205 -3.76 1.98 -22.26
N ALA A 206 -2.81 2.22 -21.36
CA ALA A 206 -2.47 3.58 -21.02
C ALA A 206 -1.78 4.28 -22.20
N MET A 207 -0.84 3.60 -22.84
CA MET A 207 -0.13 4.20 -23.98
C MET A 207 -1.11 4.75 -25.01
N ALA A 208 -2.12 3.95 -25.31
CA ALA A 208 -3.14 4.30 -26.29
C ALA A 208 -4.01 5.49 -25.95
N ASP A 209 -4.03 5.88 -24.68
CA ASP A 209 -4.89 6.99 -24.22
C ASP A 209 -4.09 8.25 -23.87
N LEU A 210 -2.75 8.19 -23.97
CA LEU A 210 -1.93 9.35 -23.65
C LEU A 210 -2.26 10.57 -24.49
N HIS A 211 -2.73 10.36 -25.72
CA HIS A 211 -2.99 11.46 -26.65
C HIS A 211 -4.05 12.40 -26.17
N THR A 212 -4.88 11.94 -25.22
CA THR A 212 -6.00 12.70 -24.68
C THR A 212 -5.62 13.67 -23.59
N LEU A 213 -4.37 13.56 -23.10
CA LEU A 213 -3.94 14.20 -21.90
C LEU A 213 -3.23 15.54 -22.10
N SER A 214 -3.39 16.41 -21.12
CA SER A 214 -2.58 17.58 -20.97
C SER A 214 -1.15 17.20 -20.59
N GLU A 215 -0.24 18.17 -20.70
CA GLU A 215 1.16 17.93 -20.35
C GLU A 215 1.31 17.45 -18.91
N ASP A 216 0.57 18.09 -18.00
CA ASP A 216 0.70 17.73 -16.60
C ASP A 216 0.14 16.33 -16.31
N SER A 217 -0.98 15.98 -16.94
CA SER A 217 -1.54 14.63 -16.73
C SER A 217 -0.64 13.56 -17.35
N TYR A 218 -0.11 13.90 -18.51
CA TYR A 218 0.84 13.04 -19.23
C TYR A 218 2.04 12.71 -18.33
N LYS A 219 2.56 13.70 -17.60
CA LYS A 219 3.70 13.47 -16.74
C LYS A 219 3.42 12.39 -15.70
N ASP A 220 2.28 12.50 -15.03
CA ASP A 220 1.96 11.56 -14.00
C ASP A 220 1.72 10.17 -14.54
N SER A 221 0.94 10.07 -15.62
CA SER A 221 0.64 8.77 -16.19
C SER A 221 1.93 8.08 -16.68
N THR A 222 2.80 8.82 -17.37
CA THR A 222 4.03 8.23 -17.87
C THR A 222 4.99 7.80 -16.78
N LEU A 223 5.00 8.50 -15.65
CA LEU A 223 5.84 8.06 -14.55
C LEU A 223 5.43 6.65 -14.09
N ILE A 224 4.14 6.43 -13.92
CA ILE A 224 3.70 5.11 -13.43
C ILE A 224 3.87 4.09 -14.52
N MET A 225 3.65 4.47 -15.78
CA MET A 225 3.91 3.55 -16.87
C MET A 225 5.35 3.03 -16.84
N GLN A 226 6.30 3.91 -16.50
CA GLN A 226 7.68 3.51 -16.41
C GLN A 226 7.91 2.51 -15.30
N LEU A 227 7.18 2.64 -14.19
CA LEU A 227 7.27 1.64 -13.11
C LEU A 227 6.76 0.27 -13.56
N LEU A 228 5.66 0.27 -14.33
CA LEU A 228 5.17 -0.96 -14.94
C LEU A 228 6.25 -1.59 -15.80
N ARG A 229 6.88 -0.77 -16.64
CA ARG A 229 7.97 -1.23 -17.54
C ARG A 229 9.13 -1.75 -16.68
N ASP A 230 9.45 -1.05 -15.60
CA ASP A 230 10.56 -1.48 -14.76
C ASP A 230 10.30 -2.87 -14.19
N ASN A 231 9.06 -3.11 -13.73
CA ASN A 231 8.73 -4.43 -13.20
C ASN A 231 8.79 -5.49 -14.27
N LEU A 232 8.25 -5.15 -15.45
CA LEU A 232 8.29 -6.09 -16.57
C LEU A 232 9.72 -6.46 -16.92
N THR A 233 10.63 -5.49 -16.90
CA THR A 233 12.05 -5.74 -17.15
C THR A 233 12.68 -6.64 -16.10
N LEU A 234 12.27 -6.45 -14.85
CA LEU A 234 12.75 -7.26 -13.76
C LEU A 234 12.30 -8.72 -13.93
N TRP A 235 11.08 -8.90 -14.46
CA TRP A 235 10.40 -10.19 -14.46
C TRP A 235 10.55 -11.02 -15.74
N THR A 236 11.13 -10.41 -16.78
CA THR A 236 11.26 -11.03 -18.08
C THR A 236 12.71 -10.96 -18.58
N PHE B 1 13.57 -5.75 -5.16
CA PHE B 1 12.10 -5.66 -4.92
C PHE B 1 11.40 -4.87 -6.02
N PRO B 2 10.19 -5.27 -6.42
CA PRO B 2 9.50 -4.55 -7.50
C PRO B 2 8.85 -3.24 -7.03
N ALA B 3 8.54 -2.39 -7.98
CA ALA B 3 7.99 -1.10 -7.71
C ALA B 3 6.51 -1.19 -7.38
N TPO B 4 6.14 -0.47 -6.32
CA TPO B 4 4.74 -0.21 -5.92
CB TPO B 4 4.27 -1.12 -4.78
CG2 TPO B 4 4.29 -2.57 -5.18
OG1 TPO B 4 5.21 -0.91 -3.69
P TPO B 4 4.96 -1.46 -2.21
O1P TPO B 4 5.90 -0.63 -1.35
O2P TPO B 4 5.27 -2.95 -2.20
O3P TPO B 4 3.51 -1.24 -1.91
C TPO B 4 4.59 1.28 -5.58
O TPO B 4 5.59 1.89 -5.25
N VAL B 5 3.36 1.76 -5.62
CA VAL B 5 3.08 3.13 -5.28
C VAL B 5 2.00 3.27 -4.26
MG MG C . -8.36 -9.55 -15.60
MG MG D . -14.00 21.47 14.95
MG MG E . 4.25 -13.30 14.63
C1 NQU F . -5.74 11.58 -5.68
C2 NQU F . -6.46 12.25 -4.53
C3 NQU F . -3.83 10.21 -6.34
C4 NQU F . -2.59 10.93 -6.84
C5 NQU F . -1.94 10.11 -7.94
C6 NQU F . -0.64 10.70 -8.43
O1 NQU F . -6.19 11.65 -6.87
N1 NQU F . -4.61 10.96 -5.36
N2 NQU F . 0.29 10.89 -7.31
C7 NQU F . 1.52 10.38 -7.09
O2 NQU F . 2.15 10.70 -6.07
C8 NQU F . 2.18 9.39 -8.06
O3 NQU F . 1.30 8.28 -8.44
C9 NQU F . 0.48 7.63 -7.53
C10 NQU F . -0.48 6.85 -8.15
C11 NQU F . -1.39 6.16 -7.40
C12 NQU F . -1.35 6.28 -6.03
CL2 NQU F . -2.56 5.47 -5.10
C13 NQU F . -0.41 7.05 -5.38
C14 NQU F . 0.51 7.74 -6.14
C15 NQU F . 2.62 10.21 -9.28
C16 NQU F . 3.30 9.35 -10.32
C17 NQU F . 4.45 8.55 -9.72
C18 NQU F . 4.05 7.79 -8.48
C19 NQU F . 3.39 8.68 -7.44
C20 NQU F . -0.31 11.82 -6.33
C21 NQU F . -1.57 11.22 -5.74
#